data_7OYL
#
_entry.id   7OYL
#
_cell.length_a   85.251
_cell.length_b   85.251
_cell.length_c   232.503
_cell.angle_alpha   90.000
_cell.angle_beta   90.000
_cell.angle_gamma   90.000
#
_symmetry.space_group_name_H-M   'P 43 21 2'
#
loop_
_entity.id
_entity.type
_entity.pdbx_description
1 polymer 'Glucose-6-phosphate isomerase'
2 non-polymer 'CHLORIDE ION'
3 non-polymer GLYCEROL
4 non-polymer 'SODIUM ION'
5 non-polymer 6-O-phosphono-beta-D-glucopyranose
6 water water
#
_entity_poly.entity_id   1
_entity_poly.type   'polypeptide(L)'
_entity_poly.pdbx_seq_one_letter_code
;GPLGSMPGFSQATELGAWKELQEHHNSLGRNIVLKEYFEKDPQRFEKFSRTFANPVDNTEILFDFSKNFLTEETLALLVK
LAREAGVEELRDAMFKGDPINFTEDRAVYHVALRNVTNEPMQVNGKSVVEDVNSVLEHMKEFTEQVRSGEWKGYTGKKIT
TIINIGIGGSDLGPVMVTEALKPYGAEDMTLHFVSNIDGSHIAEALKHSDPETTLFLIASKTFTTAETTTNANSAKKWFL
ESAKDEAHIAKHFVALSTNEEEVTKFGIDKKNMFGFASWVGGRYSVWSAIGLSVALYIGFDNFHQFLAGAHAMDKHFRET
PLEQNIPVLGGLLSVWYSDFFGAQTHLVAPFDQYLHRFPAYLQQLSMESNGKAITRTGEYVKYTTGPILFGEPATNAQHS
FFQLLHQGTKLIPSDFIMAAESHNPVEGGKHQRMLASNFLAQSEALMVGKTPEQVKTEGAPDNLVPHKTFLGNRPTTSIL
AQKITPSTLGALIAYYEHLTFTEGAVWNINSFDQWGVELGKVLAKKIQKELETPGAGGDHDASTSGLLLAFKKKANLA
;
_entity_poly.pdbx_strand_id   A
#
loop_
_chem_comp.id
_chem_comp.type
_chem_comp.name
_chem_comp.formula
BG6 D-saccharide, beta linking 6-O-phosphono-beta-D-glucopyranose 'C6 H13 O9 P'
CL non-polymer 'CHLORIDE ION' 'Cl -1'
GOL non-polymer GLYCEROL 'C3 H8 O3'
NA non-polymer 'SODIUM ION' 'Na 1'
#
# COMPACT_ATOMS: atom_id res chain seq x y z
N PRO A 2 -4.61 26.47 -15.19
CA PRO A 2 -5.02 27.65 -14.42
C PRO A 2 -5.46 27.34 -12.98
N LEU A 3 -5.84 28.41 -12.24
CA LEU A 3 -6.29 28.31 -10.83
C LEU A 3 -7.75 27.88 -10.84
N GLY A 4 -8.24 27.39 -9.71
CA GLY A 4 -9.61 26.83 -9.63
C GLY A 4 -10.40 27.49 -8.52
N SER A 5 -11.31 26.75 -7.93
CA SER A 5 -12.28 27.26 -6.95
C SER A 5 -11.71 27.16 -5.54
N MET A 6 -12.29 27.90 -4.62
CA MET A 6 -12.01 27.74 -3.19
C MET A 6 -12.49 26.34 -2.80
N PRO A 7 -11.89 25.71 -1.77
CA PRO A 7 -12.37 24.42 -1.26
C PRO A 7 -13.85 24.52 -0.81
N GLY A 8 -14.61 23.43 -0.93
CA GLY A 8 -16.01 23.36 -0.47
C GLY A 8 -16.14 23.57 1.02
N PHE A 9 -15.14 23.20 1.82
CA PHE A 9 -15.19 23.37 3.29
C PHE A 9 -13.77 23.51 3.80
N SER A 10 -13.65 23.83 5.08
CA SER A 10 -12.39 24.07 5.78
C SER A 10 -12.05 22.90 6.73
N GLN A 11 -12.83 22.75 7.80
CA GLN A 11 -12.67 21.74 8.86
C GLN A 11 -13.79 20.73 8.76
N ALA A 12 -13.50 19.44 8.79
CA ALA A 12 -14.56 18.40 8.77
C ALA A 12 -15.56 18.63 9.91
N THR A 13 -15.06 19.11 11.05
CA THR A 13 -15.86 19.33 12.26
C THR A 13 -16.91 20.43 12.08
N GLU A 14 -16.82 21.26 11.02
CA GLU A 14 -17.80 22.35 10.71
CA GLU A 14 -17.81 22.34 10.76
C GLU A 14 -18.97 21.77 9.93
N LEU A 15 -18.86 20.55 9.37
CA LEU A 15 -19.95 20.01 8.52
C LEU A 15 -21.11 19.55 9.39
N GLY A 16 -22.34 19.88 8.96
CA GLY A 16 -23.56 19.48 9.70
C GLY A 16 -23.59 17.99 9.99
N ALA A 17 -23.23 17.17 9.01
CA ALA A 17 -23.26 15.69 9.12
C ALA A 17 -22.28 15.23 10.20
N TRP A 18 -21.16 15.95 10.41
CA TRP A 18 -20.18 15.57 11.46
C TRP A 18 -20.84 15.76 12.81
N LYS A 19 -21.51 16.89 12.98
CA LYS A 19 -22.16 17.18 14.27
C LYS A 19 -23.29 16.15 14.48
N GLU A 20 -24.02 15.77 13.44
CA GLU A 20 -25.05 14.69 13.62
C GLU A 20 -24.39 13.34 14.01
N LEU A 21 -23.21 13.05 13.47
CA LEU A 21 -22.47 11.82 13.83
C LEU A 21 -22.03 11.89 15.28
N GLN A 22 -21.65 13.05 15.77
CA GLN A 22 -21.22 13.17 17.17
C GLN A 22 -22.43 12.91 18.07
N GLU A 23 -23.59 13.46 17.68
CA GLU A 23 -24.83 13.24 18.49
C GLU A 23 -25.21 11.75 18.38
N HIS A 24 -25.07 11.15 17.21
CA HIS A 24 -25.37 9.73 16.98
C HIS A 24 -24.46 8.87 17.85
N HIS A 25 -23.17 9.17 17.89
CA HIS A 25 -22.21 8.46 18.73
C HIS A 25 -22.63 8.57 20.18
N ASN A 26 -22.98 9.77 20.65
CA ASN A 26 -23.23 10.03 22.08
C ASN A 26 -24.44 9.22 22.56
N SER A 27 -25.44 9.04 21.73
CA SER A 27 -26.75 8.50 22.16
C SER A 27 -26.88 7.03 21.76
N LEU A 28 -26.10 6.54 20.81
CA LEU A 28 -26.37 5.21 20.20
C LEU A 28 -25.07 4.52 19.80
N GLY A 29 -24.26 5.10 18.92
CA GLY A 29 -23.07 4.40 18.40
C GLY A 29 -22.19 3.87 19.52
N ARG A 30 -22.03 4.63 20.61
CA ARG A 30 -21.12 4.21 21.69
C ARG A 30 -21.69 3.00 22.46
N ASN A 31 -22.99 2.69 22.31
CA ASN A 31 -23.66 1.59 23.05
C ASN A 31 -23.88 0.40 22.12
N ILE A 32 -23.40 0.44 20.87
CA ILE A 32 -23.55 -0.72 19.95
C ILE A 32 -22.85 -1.93 20.58
N VAL A 33 -23.59 -3.02 20.77
CA VAL A 33 -23.02 -4.35 21.11
C VAL A 33 -23.33 -5.25 19.92
N LEU A 34 -22.30 -5.62 19.20
CA LEU A 34 -22.51 -6.36 17.93
C LEU A 34 -23.40 -7.59 18.18
N LYS A 35 -23.12 -8.40 19.21
CA LYS A 35 -23.83 -9.71 19.36
CA LYS A 35 -23.82 -9.71 19.43
C LYS A 35 -25.33 -9.44 19.51
N GLU A 36 -25.72 -8.33 20.15
CA GLU A 36 -27.14 -7.94 20.34
C GLU A 36 -27.75 -7.52 19.01
N TYR A 37 -27.01 -6.80 18.15
CA TYR A 37 -27.54 -6.38 16.83
C TYR A 37 -27.76 -7.61 15.94
N PHE A 38 -26.83 -8.57 15.98
CA PHE A 38 -26.98 -9.83 15.19
C PHE A 38 -28.18 -10.64 15.73
N GLU A 39 -28.38 -10.74 17.04
CA GLU A 39 -29.50 -11.51 17.66
C GLU A 39 -30.82 -10.88 17.17
N LYS A 40 -30.88 -9.56 17.05
CA LYS A 40 -32.15 -8.82 16.80
CA LYS A 40 -32.14 -8.81 16.79
C LYS A 40 -32.33 -8.66 15.28
N ASP A 41 -31.29 -8.82 14.46
CA ASP A 41 -31.45 -8.57 12.99
C ASP A 41 -30.87 -9.74 12.19
N PRO A 42 -31.69 -10.72 11.78
CA PRO A 42 -31.18 -11.80 10.95
C PRO A 42 -30.78 -11.35 9.52
N GLN A 43 -31.17 -10.16 9.07
CA GLN A 43 -30.72 -9.70 7.72
CA GLN A 43 -30.84 -9.52 7.77
C GLN A 43 -29.52 -8.72 7.89
N ARG A 44 -28.85 -8.71 9.05
CA ARG A 44 -27.69 -7.79 9.25
C ARG A 44 -26.60 -8.04 8.19
N PHE A 45 -26.29 -9.29 7.89
CA PHE A 45 -25.21 -9.62 6.93
C PHE A 45 -25.59 -9.16 5.52
N GLU A 46 -26.86 -9.36 5.14
CA GLU A 46 -27.38 -8.90 3.82
C GLU A 46 -27.27 -7.38 3.76
N LYS A 47 -27.56 -6.67 4.84
CA LYS A 47 -27.58 -5.20 4.82
C LYS A 47 -26.17 -4.62 4.58
N PHE A 48 -25.16 -5.21 5.20
CA PHE A 48 -23.84 -4.54 5.28
C PHE A 48 -22.74 -5.34 4.59
N SER A 49 -23.08 -6.27 3.71
CA SER A 49 -22.09 -6.92 2.83
C SER A 49 -22.25 -6.35 1.42
N ARG A 50 -21.19 -6.44 0.65
CA ARG A 50 -21.12 -5.92 -0.72
C ARG A 50 -20.35 -6.94 -1.55
N THR A 51 -20.71 -7.10 -2.80
CA THR A 51 -20.05 -8.04 -3.71
C THR A 51 -19.44 -7.25 -4.86
N PHE A 52 -18.16 -7.42 -5.10
CA PHE A 52 -17.48 -6.79 -6.26
C PHE A 52 -17.22 -7.87 -7.31
N ALA A 53 -17.72 -7.67 -8.53
CA ALA A 53 -17.45 -8.52 -9.69
C ALA A 53 -16.09 -8.15 -10.30
N ASN A 54 -15.19 -9.13 -10.37
CA ASN A 54 -13.93 -8.97 -11.09
C ASN A 54 -14.17 -9.54 -12.49
N PRO A 55 -14.30 -8.70 -13.52
CA PRO A 55 -14.59 -9.19 -14.88
C PRO A 55 -13.34 -9.72 -15.57
N VAL A 56 -12.16 -9.49 -15.00
CA VAL A 56 -10.91 -9.99 -15.65
C VAL A 56 -10.78 -11.50 -15.43
N ASP A 57 -10.95 -11.98 -14.20
CA ASP A 57 -10.83 -13.42 -13.91
C ASP A 57 -12.21 -14.04 -13.75
N ASN A 58 -13.29 -13.26 -13.92
CA ASN A 58 -14.68 -13.75 -13.85
CA ASN A 58 -14.70 -13.71 -13.83
C ASN A 58 -14.95 -14.33 -12.45
N THR A 59 -14.61 -13.59 -11.39
CA THR A 59 -14.83 -14.01 -10.00
C THR A 59 -15.53 -12.90 -9.24
N GLU A 60 -15.86 -13.18 -7.99
CA GLU A 60 -16.43 -12.16 -7.10
C GLU A 60 -15.61 -12.06 -5.83
N ILE A 61 -15.55 -10.86 -5.28
CA ILE A 61 -14.88 -10.61 -3.98
C ILE A 61 -15.98 -10.13 -3.05
N LEU A 62 -16.18 -10.83 -1.94
CA LEU A 62 -17.20 -10.46 -0.96
C LEU A 62 -16.53 -9.56 0.08
N PHE A 63 -17.10 -8.37 0.28
CA PHE A 63 -16.71 -7.41 1.34
C PHE A 63 -17.79 -7.43 2.40
N ASP A 64 -17.50 -7.99 3.56
CA ASP A 64 -18.49 -8.08 4.65
C ASP A 64 -18.14 -7.01 5.68
N PHE A 65 -18.96 -5.98 5.77
CA PHE A 65 -18.78 -4.90 6.77
C PHE A 65 -19.70 -5.08 7.97
N SER A 66 -20.46 -6.18 8.07
CA SER A 66 -21.58 -6.29 9.05
C SER A 66 -21.08 -6.44 10.49
N LYS A 67 -19.83 -6.90 10.74
CA LYS A 67 -19.24 -6.95 12.10
CA LYS A 67 -19.28 -6.93 12.13
C LYS A 67 -18.58 -5.61 12.50
N ASN A 68 -18.96 -4.50 11.88
CA ASN A 68 -18.51 -3.14 12.23
C ASN A 68 -19.59 -2.43 13.06
N PHE A 69 -19.21 -1.36 13.73
CA PHE A 69 -20.13 -0.54 14.57
C PHE A 69 -21.03 0.31 13.66
N LEU A 70 -21.91 -0.38 12.95
CA LEU A 70 -22.80 0.22 11.93
C LEU A 70 -24.26 -0.14 12.22
N THR A 71 -25.15 0.82 12.09
CA THR A 71 -26.61 0.61 11.94
C THR A 71 -27.02 1.26 10.63
N GLU A 72 -28.26 1.06 10.22
CA GLU A 72 -28.75 1.75 8.99
C GLU A 72 -28.60 3.26 9.18
N GLU A 73 -28.95 3.75 10.35
CA GLU A 73 -28.84 5.18 10.69
C GLU A 73 -27.37 5.63 10.62
N THR A 74 -26.46 4.83 11.16
CA THR A 74 -25.02 5.19 11.09
C THR A 74 -24.59 5.31 9.63
N LEU A 75 -24.96 4.36 8.78
CA LEU A 75 -24.50 4.37 7.39
C LEU A 75 -25.04 5.60 6.67
N ALA A 76 -26.33 5.90 6.89
CA ALA A 76 -26.98 7.08 6.31
C ALA A 76 -26.20 8.34 6.70
N LEU A 77 -25.76 8.49 7.93
CA LEU A 77 -25.06 9.71 8.37
C LEU A 77 -23.65 9.76 7.79
N LEU A 78 -22.98 8.60 7.67
CA LEU A 78 -21.61 8.58 7.09
C LEU A 78 -21.65 8.93 5.62
N VAL A 79 -22.63 8.41 4.90
CA VAL A 79 -22.79 8.75 3.45
CA VAL A 79 -22.72 8.77 3.45
C VAL A 79 -23.15 10.23 3.33
N LYS A 80 -23.94 10.73 4.26
CA LYS A 80 -24.27 12.17 4.27
C LYS A 80 -22.98 13.00 4.47
N LEU A 81 -22.11 12.60 5.40
CA LEU A 81 -20.82 13.28 5.62
C LEU A 81 -19.99 13.25 4.34
N ALA A 82 -20.00 12.13 3.60
CA ALA A 82 -19.24 12.01 2.34
C ALA A 82 -19.78 13.02 1.31
N ARG A 83 -21.09 13.19 1.26
CA ARG A 83 -21.69 14.16 0.30
C ARG A 83 -21.35 15.58 0.74
N GLU A 84 -21.48 15.91 2.01
CA GLU A 84 -21.13 17.25 2.50
C GLU A 84 -19.63 17.54 2.30
N ALA A 85 -18.77 16.53 2.38
CA ALA A 85 -17.30 16.72 2.18
C ALA A 85 -16.93 16.67 0.69
N GLY A 86 -17.88 16.45 -0.21
CA GLY A 86 -17.60 16.48 -1.65
C GLY A 86 -16.68 15.36 -2.07
N VAL A 87 -16.85 14.16 -1.50
CA VAL A 87 -15.98 13.01 -1.91
C VAL A 87 -16.17 12.75 -3.40
N GLU A 88 -17.40 12.77 -3.89
CA GLU A 88 -17.63 12.44 -5.33
C GLU A 88 -17.03 13.53 -6.23
N GLU A 89 -17.15 14.78 -5.80
CA GLU A 89 -16.57 15.95 -6.56
C GLU A 89 -15.04 15.82 -6.63
N LEU A 90 -14.38 15.57 -5.50
CA LEU A 90 -12.92 15.38 -5.53
C LEU A 90 -12.55 14.18 -6.38
N ARG A 91 -13.28 13.07 -6.25
CA ARG A 91 -13.05 11.88 -7.08
C ARG A 91 -13.13 12.26 -8.56
N ASP A 92 -14.18 12.92 -8.97
CA ASP A 92 -14.42 13.23 -10.39
C ASP A 92 -13.31 14.17 -10.91
N ALA A 93 -12.89 15.12 -10.08
CA ALA A 93 -11.75 16.02 -10.41
C ALA A 93 -10.47 15.18 -10.59
N MET A 94 -10.23 14.19 -9.72
CA MET A 94 -9.06 13.29 -9.89
C MET A 94 -9.13 12.64 -11.26
N PHE A 95 -10.24 11.99 -11.61
CA PHE A 95 -10.37 11.24 -12.90
C PHE A 95 -10.33 12.19 -14.11
N LYS A 96 -10.68 13.47 -13.96
CA LYS A 96 -10.62 14.48 -15.08
C LYS A 96 -9.16 14.96 -15.26
N GLY A 97 -8.25 14.67 -14.33
CA GLY A 97 -6.83 15.14 -14.39
C GLY A 97 -6.64 16.56 -13.86
N ASP A 98 -7.60 17.09 -13.11
CA ASP A 98 -7.46 18.36 -12.38
C ASP A 98 -6.33 18.24 -11.36
N PRO A 99 -5.67 19.36 -11.03
CA PRO A 99 -4.52 19.38 -10.14
C PRO A 99 -4.97 19.34 -8.66
N ILE A 100 -5.60 18.25 -8.21
CA ILE A 100 -6.17 18.18 -6.83
C ILE A 100 -5.02 18.11 -5.80
N ASN A 101 -3.82 17.77 -6.22
CA ASN A 101 -2.62 17.84 -5.34
C ASN A 101 -2.23 19.32 -5.21
N PHE A 102 -2.90 20.01 -4.28
CA PHE A 102 -2.99 21.48 -4.25
C PHE A 102 -1.72 22.11 -3.71
N THR A 103 -0.88 21.35 -3.00
CA THR A 103 0.36 21.92 -2.48
C THR A 103 1.48 21.81 -3.51
N GLU A 104 1.37 20.92 -4.51
CA GLU A 104 2.44 20.79 -5.53
C GLU A 104 1.92 21.24 -6.91
N ASP A 105 0.68 21.68 -6.99
CA ASP A 105 -0.06 22.05 -8.23
C ASP A 105 0.10 20.94 -9.28
N ARG A 106 -0.39 19.75 -8.99
CA ARG A 106 -0.15 18.55 -9.81
C ARG A 106 -1.44 17.75 -9.89
N ALA A 107 -1.63 17.12 -11.03
CA ALA A 107 -2.67 16.09 -11.19
C ALA A 107 -2.30 14.89 -10.30
N VAL A 108 -3.27 14.00 -10.13
CA VAL A 108 -3.13 12.74 -9.38
C VAL A 108 -3.71 11.69 -10.29
N TYR A 109 -2.86 10.99 -11.01
CA TYR A 109 -3.35 10.26 -12.19
C TYR A 109 -2.77 8.83 -12.26
N HIS A 110 -2.61 8.18 -11.10
CA HIS A 110 -2.35 6.72 -11.10
C HIS A 110 -3.48 5.98 -11.82
N VAL A 111 -4.71 6.47 -11.80
CA VAL A 111 -5.86 5.82 -12.48
C VAL A 111 -5.60 5.78 -13.99
N ALA A 112 -4.82 6.70 -14.55
CA ALA A 112 -4.50 6.68 -16.00
C ALA A 112 -3.55 5.55 -16.31
N LEU A 113 -2.76 5.11 -15.34
CA LEU A 113 -1.75 4.07 -15.64
C LEU A 113 -2.43 2.75 -16.02
N ARG A 114 -3.65 2.51 -15.50
CA ARG A 114 -4.33 1.21 -15.66
C ARG A 114 -5.60 1.42 -16.48
N ASN A 115 -5.61 2.45 -17.33
CA ASN A 115 -6.74 2.81 -18.22
C ASN A 115 -6.73 1.81 -19.39
N VAL A 116 -6.96 0.53 -19.12
CA VAL A 116 -6.77 -0.58 -20.11
C VAL A 116 -7.81 -0.50 -21.23
N THR A 117 -8.89 0.25 -21.08
CA THR A 117 -9.89 0.43 -22.18
C THR A 117 -9.56 1.70 -22.97
N ASN A 118 -8.47 2.41 -22.65
CA ASN A 118 -8.11 3.63 -23.40
C ASN A 118 -9.27 4.61 -23.45
N GLU A 119 -9.98 4.83 -22.34
CA GLU A 119 -10.95 5.93 -22.19
C GLU A 119 -10.13 7.23 -22.32
N PRO A 120 -10.72 8.31 -22.86
CA PRO A 120 -10.00 9.57 -23.00
C PRO A 120 -9.57 10.08 -21.62
N MET A 121 -8.28 10.43 -21.46
CA MET A 121 -7.71 10.94 -20.20
C MET A 121 -6.64 11.98 -20.51
N GLN A 122 -6.62 13.05 -19.73
CA GLN A 122 -5.90 14.29 -20.10
C GLN A 122 -5.43 15.02 -18.83
N VAL A 123 -4.28 15.66 -18.95
CA VAL A 123 -3.72 16.58 -17.93
C VAL A 123 -3.30 17.84 -18.66
N ASN A 124 -3.74 19.00 -18.17
CA ASN A 124 -3.32 20.31 -18.73
C ASN A 124 -3.71 20.35 -20.22
N GLY A 125 -4.95 19.98 -20.52
CA GLY A 125 -5.51 19.92 -21.88
C GLY A 125 -4.78 19.00 -22.85
N LYS A 126 -3.91 18.09 -22.41
CA LYS A 126 -3.20 17.16 -23.34
C LYS A 126 -3.52 15.73 -22.91
N SER A 127 -3.95 14.88 -23.83
CA SER A 127 -4.17 13.44 -23.59
C SER A 127 -2.90 12.82 -23.03
N VAL A 128 -3.02 11.90 -22.07
CA VAL A 128 -1.84 11.17 -21.50
C VAL A 128 -1.86 9.72 -21.99
N VAL A 129 -2.93 9.33 -22.71
CA VAL A 129 -3.17 7.89 -23.00
C VAL A 129 -2.05 7.32 -23.88
N GLU A 130 -1.64 8.02 -24.93
CA GLU A 130 -0.67 7.44 -25.90
C GLU A 130 0.68 7.28 -25.21
N ASP A 131 1.04 8.22 -24.34
CA ASP A 131 2.33 8.13 -23.63
C ASP A 131 2.29 6.98 -22.59
N VAL A 132 1.19 6.83 -21.87
CA VAL A 132 1.04 5.67 -20.93
C VAL A 132 1.22 4.39 -21.75
N ASN A 133 0.52 4.27 -22.88
CA ASN A 133 0.53 3.05 -23.74
C ASN A 133 1.92 2.81 -24.33
N SER A 134 2.65 3.86 -24.70
CA SER A 134 4.00 3.72 -25.27
CA SER A 134 4.02 3.74 -25.26
C SER A 134 4.94 3.10 -24.23
N VAL A 135 4.88 3.56 -22.99
CA VAL A 135 5.78 2.96 -21.98
C VAL A 135 5.40 1.49 -21.77
N LEU A 136 4.12 1.21 -21.67
CA LEU A 136 3.66 -0.18 -21.51
C LEU A 136 4.17 -1.04 -22.68
N GLU A 137 4.08 -0.55 -23.94
CA GLU A 137 4.52 -1.36 -25.12
C GLU A 137 6.02 -1.60 -25.01
N HIS A 138 6.79 -0.61 -24.55
CA HIS A 138 8.24 -0.75 -24.28
C HIS A 138 8.47 -1.80 -23.17
N MET A 139 7.74 -1.69 -22.05
CA MET A 139 7.83 -2.71 -20.97
C MET A 139 7.50 -4.09 -21.57
N LYS A 140 6.44 -4.22 -22.37
CA LYS A 140 6.10 -5.51 -23.01
C LYS A 140 7.32 -6.05 -23.78
N GLU A 141 7.86 -5.25 -24.70
CA GLU A 141 8.91 -5.72 -25.64
C GLU A 141 10.12 -6.16 -24.82
N PHE A 142 10.55 -5.32 -23.85
CA PHE A 142 11.77 -5.57 -23.06
C PHE A 142 11.59 -6.83 -22.24
N THR A 143 10.43 -7.00 -21.59
CA THR A 143 10.18 -8.19 -20.72
C THR A 143 10.17 -9.46 -21.55
N GLU A 144 9.57 -9.45 -22.74
CA GLU A 144 9.65 -10.61 -23.68
C GLU A 144 11.10 -10.95 -24.02
N GLN A 145 11.91 -9.94 -24.36
CA GLN A 145 13.32 -10.20 -24.72
C GLN A 145 14.07 -10.76 -23.51
N VAL A 146 13.87 -10.22 -22.30
CA VAL A 146 14.68 -10.74 -21.15
C VAL A 146 14.21 -12.16 -20.86
N ARG A 147 12.89 -12.40 -20.88
CA ARG A 147 12.36 -13.70 -20.39
C ARG A 147 12.70 -14.81 -21.43
N SER A 148 12.69 -14.48 -22.72
CA SER A 148 12.95 -15.41 -23.85
C SER A 148 14.45 -15.73 -23.94
N GLY A 149 15.30 -14.85 -23.42
CA GLY A 149 16.76 -15.02 -23.52
C GLY A 149 17.29 -14.34 -24.77
N GLU A 150 16.45 -13.58 -25.47
CA GLU A 150 16.91 -12.77 -26.62
C GLU A 150 17.81 -11.64 -26.12
N TRP A 151 17.42 -10.94 -25.03
CA TRP A 151 18.30 -9.99 -24.33
C TRP A 151 19.40 -10.75 -23.59
N LYS A 152 20.65 -10.49 -23.91
CA LYS A 152 21.78 -11.23 -23.33
C LYS A 152 22.72 -10.27 -22.62
N GLY A 153 23.43 -10.84 -21.64
CA GLY A 153 24.54 -10.22 -20.91
C GLY A 153 25.75 -9.99 -21.79
N TYR A 154 26.75 -9.28 -21.26
CA TYR A 154 27.95 -8.79 -22.00
C TYR A 154 28.81 -9.97 -22.47
N THR A 155 28.65 -11.18 -21.91
CA THR A 155 29.32 -12.40 -22.35
C THR A 155 28.29 -13.33 -23.02
N GLY A 156 27.14 -12.81 -23.45
CA GLY A 156 26.16 -13.56 -24.25
C GLY A 156 25.31 -14.57 -23.47
N LYS A 157 25.21 -14.48 -22.13
CA LYS A 157 24.33 -15.39 -21.34
C LYS A 157 22.94 -14.80 -21.06
N LYS A 158 21.96 -15.69 -20.93
CA LYS A 158 20.58 -15.35 -20.51
C LYS A 158 20.64 -14.69 -19.11
N ILE A 159 19.85 -13.63 -18.91
CA ILE A 159 19.71 -12.98 -17.58
C ILE A 159 18.86 -13.89 -16.68
N THR A 160 19.36 -14.23 -15.49
CA THR A 160 18.69 -15.10 -14.50
C THR A 160 18.46 -14.35 -13.16
N THR A 161 19.16 -13.25 -12.89
CA THR A 161 19.02 -12.46 -11.65
C THR A 161 18.55 -11.05 -12.01
N ILE A 162 17.46 -10.60 -11.36
CA ILE A 162 17.00 -9.19 -11.44
C ILE A 162 17.21 -8.53 -10.08
N ILE A 163 17.89 -7.40 -10.06
CA ILE A 163 18.16 -6.62 -8.83
C ILE A 163 17.49 -5.26 -9.03
N ASN A 164 16.36 -5.05 -8.36
CA ASN A 164 15.66 -3.74 -8.29
C ASN A 164 16.34 -2.89 -7.21
N ILE A 165 16.71 -1.67 -7.55
CA ILE A 165 17.37 -0.77 -6.58
C ILE A 165 16.47 0.45 -6.48
N GLY A 166 15.94 0.70 -5.30
CA GLY A 166 15.00 1.81 -5.10
C GLY A 166 14.49 1.82 -3.68
N ILE A 167 13.80 2.86 -3.28
CA ILE A 167 13.31 2.93 -1.88
C ILE A 167 11.91 3.52 -1.87
N GLY A 168 11.17 3.19 -0.81
CA GLY A 168 9.75 3.55 -0.61
C GLY A 168 8.89 3.10 -1.76
N GLY A 169 8.19 4.02 -2.45
CA GLY A 169 7.29 3.64 -3.53
C GLY A 169 8.04 2.96 -4.70
N SER A 170 9.37 3.09 -4.79
CA SER A 170 10.16 2.41 -5.84
C SER A 170 10.59 1.01 -5.39
N ASP A 171 10.13 0.51 -4.22
CA ASP A 171 10.56 -0.77 -3.64
C ASP A 171 9.34 -1.55 -3.13
N LEU A 172 8.47 -0.94 -2.31
CA LEU A 172 7.48 -1.72 -1.51
C LEU A 172 6.47 -2.41 -2.42
N GLY A 173 6.03 -1.73 -3.48
CA GLY A 173 5.07 -2.31 -4.45
C GLY A 173 5.68 -3.51 -5.17
N PRO A 174 6.84 -3.32 -5.84
CA PRO A 174 7.51 -4.44 -6.50
C PRO A 174 7.76 -5.65 -5.60
N VAL A 175 8.28 -5.43 -4.40
CA VAL A 175 8.46 -6.50 -3.38
C VAL A 175 7.13 -7.19 -3.12
N MET A 176 6.10 -6.42 -2.77
CA MET A 176 4.85 -7.00 -2.26
C MET A 176 4.18 -7.80 -3.39
N VAL A 177 4.20 -7.27 -4.60
CA VAL A 177 3.42 -7.84 -5.73
C VAL A 177 4.15 -9.10 -6.25
N THR A 178 5.47 -9.07 -6.35
CA THR A 178 6.23 -10.29 -6.75
C THR A 178 6.08 -11.38 -5.67
N GLU A 179 6.12 -11.02 -4.37
CA GLU A 179 5.87 -12.02 -3.30
C GLU A 179 4.45 -12.55 -3.43
N ALA A 180 3.47 -11.68 -3.63
CA ALA A 180 2.06 -12.09 -3.64
C ALA A 180 1.79 -13.01 -4.82
N LEU A 181 2.43 -12.75 -5.96
CA LEU A 181 2.06 -13.45 -7.22
C LEU A 181 3.17 -14.46 -7.56
N LYS A 182 3.91 -14.90 -6.56
CA LYS A 182 5.00 -15.88 -6.72
C LYS A 182 4.60 -17.08 -7.59
N PRO A 183 3.38 -17.67 -7.49
CA PRO A 183 3.03 -18.82 -8.32
C PRO A 183 3.13 -18.55 -9.83
N TYR A 184 3.05 -17.29 -10.23
CA TYR A 184 3.08 -16.87 -11.65
C TYR A 184 4.51 -16.54 -12.10
N GLY A 185 5.49 -16.63 -11.21
CA GLY A 185 6.87 -16.15 -11.44
C GLY A 185 7.70 -17.15 -12.25
N ALA A 186 8.64 -16.66 -13.04
CA ALA A 186 9.53 -17.48 -13.90
C ALA A 186 10.37 -18.37 -12.98
N GLU A 187 10.45 -19.67 -13.31
CA GLU A 187 11.14 -20.70 -12.48
C GLU A 187 12.65 -20.41 -12.40
N ASP A 188 13.27 -19.79 -13.40
CA ASP A 188 14.76 -19.71 -13.45
C ASP A 188 15.24 -18.32 -12.98
N MET A 189 14.33 -17.47 -12.50
CA MET A 189 14.62 -16.05 -12.19
C MET A 189 14.74 -15.89 -10.67
N THR A 190 15.79 -15.23 -10.22
CA THR A 190 15.99 -14.76 -8.83
C THR A 190 15.81 -13.25 -8.84
N LEU A 191 14.98 -12.76 -7.91
CA LEU A 191 14.78 -11.31 -7.70
C LEU A 191 15.46 -10.92 -6.39
N HIS A 192 16.15 -9.79 -6.41
CA HIS A 192 16.59 -9.10 -5.18
C HIS A 192 16.02 -7.68 -5.23
N PHE A 193 15.56 -7.22 -4.09
CA PHE A 193 15.05 -5.84 -3.92
C PHE A 193 15.99 -5.15 -2.91
N VAL A 194 16.83 -4.27 -3.42
CA VAL A 194 17.81 -3.52 -2.62
C VAL A 194 17.22 -2.12 -2.39
N SER A 195 17.14 -1.70 -1.13
CA SER A 195 16.45 -0.44 -0.80
C SER A 195 17.23 0.35 0.27
N ASN A 196 17.59 -0.31 1.38
CA ASN A 196 18.22 0.36 2.53
C ASN A 196 19.56 0.94 2.05
N ILE A 197 19.90 2.11 2.58
CA ILE A 197 21.28 2.64 2.41
C ILE A 197 22.24 1.69 3.15
N ASP A 198 21.79 1.09 4.25
CA ASP A 198 22.64 0.13 5.01
C ASP A 198 23.30 -0.81 3.99
N GLY A 199 24.63 -0.89 3.98
CA GLY A 199 25.41 -1.63 2.98
C GLY A 199 25.17 -3.14 3.04
N SER A 200 24.60 -3.63 4.13
CA SER A 200 24.20 -5.04 4.24
C SER A 200 23.23 -5.41 3.13
N HIS A 201 22.39 -4.50 2.71
CA HIS A 201 21.35 -4.82 1.72
C HIS A 201 21.99 -5.10 0.36
N ILE A 202 22.73 -4.15 -0.21
CA ILE A 202 23.37 -4.39 -1.54
CA ILE A 202 23.34 -4.43 -1.55
C ILE A 202 24.38 -5.55 -1.37
N ALA A 203 25.06 -5.64 -0.24
CA ALA A 203 26.14 -6.65 -0.12
C ALA A 203 25.56 -8.06 -0.27
N GLU A 204 24.51 -8.38 0.49
CA GLU A 204 23.87 -9.71 0.44
C GLU A 204 23.35 -9.99 -0.98
N ALA A 205 22.77 -9.00 -1.66
CA ALA A 205 22.21 -9.20 -3.03
C ALA A 205 23.34 -9.56 -4.01
N LEU A 206 24.44 -8.84 -3.96
CA LEU A 206 25.59 -9.01 -4.92
C LEU A 206 26.37 -10.28 -4.59
N LYS A 207 26.45 -10.65 -3.32
CA LYS A 207 27.26 -11.77 -2.82
C LYS A 207 26.94 -13.01 -3.68
N HIS A 208 25.68 -13.27 -3.97
CA HIS A 208 25.26 -14.51 -4.69
C HIS A 208 24.73 -14.15 -6.07
N SER A 209 25.29 -13.14 -6.71
CA SER A 209 24.89 -12.79 -8.08
C SER A 209 26.15 -12.80 -8.95
N ASP A 210 25.96 -12.98 -10.25
CA ASP A 210 27.03 -13.02 -11.26
C ASP A 210 26.80 -11.83 -12.17
N PRO A 211 27.79 -10.92 -12.32
CA PRO A 211 27.64 -9.76 -13.20
C PRO A 211 27.19 -10.11 -14.62
N GLU A 212 27.60 -11.30 -15.07
CA GLU A 212 27.33 -11.83 -16.43
C GLU A 212 25.85 -12.12 -16.60
N THR A 213 25.14 -12.48 -15.53
CA THR A 213 23.70 -12.89 -15.62
C THR A 213 22.76 -12.00 -14.76
N THR A 214 23.22 -10.83 -14.29
CA THR A 214 22.44 -9.88 -13.43
C THR A 214 22.03 -8.65 -14.20
N LEU A 215 20.73 -8.40 -14.25
CA LEU A 215 20.17 -7.14 -14.73
C LEU A 215 19.69 -6.25 -13.55
N PHE A 216 20.09 -4.97 -13.56
CA PHE A 216 19.74 -3.97 -12.53
C PHE A 216 18.65 -3.06 -13.06
N LEU A 217 17.64 -2.84 -12.23
CA LEU A 217 16.59 -1.82 -12.47
CA LEU A 217 16.61 -1.81 -12.48
C LEU A 217 16.83 -0.72 -11.44
N ILE A 218 17.23 0.46 -11.92
CA ILE A 218 17.43 1.65 -11.05
C ILE A 218 16.11 2.40 -11.03
N ALA A 219 15.37 2.23 -9.93
CA ALA A 219 13.96 2.68 -9.75
C ALA A 219 13.96 3.93 -8.89
N SER A 220 13.76 5.08 -9.53
CA SER A 220 13.71 6.36 -8.82
C SER A 220 12.88 7.39 -9.59
N LYS A 221 11.74 7.83 -9.04
CA LYS A 221 10.91 8.90 -9.68
C LYS A 221 11.84 10.08 -10.01
N THR A 222 12.56 10.58 -8.99
CA THR A 222 13.45 11.78 -9.06
C THR A 222 14.80 11.45 -9.71
N PHE A 223 15.30 10.22 -9.53
CA PHE A 223 16.72 9.82 -9.79
C PHE A 223 17.71 10.71 -9.01
N THR A 224 17.33 11.23 -7.84
CA THR A 224 18.27 11.96 -6.95
C THR A 224 18.10 11.50 -5.50
N THR A 225 17.49 10.34 -5.26
CA THR A 225 17.29 9.88 -3.87
C THR A 225 18.68 9.49 -3.38
N ALA A 226 19.02 9.87 -2.15
CA ALA A 226 20.36 9.65 -1.54
C ALA A 226 20.65 8.14 -1.57
N GLU A 227 19.74 7.33 -1.02
CA GLU A 227 19.96 5.89 -0.87
CA GLU A 227 19.87 5.87 -0.87
C GLU A 227 20.14 5.27 -2.26
N THR A 228 19.26 5.55 -3.19
CA THR A 228 19.21 4.85 -4.48
C THR A 228 20.44 5.19 -5.34
N THR A 229 20.90 6.43 -5.32
CA THR A 229 22.07 6.86 -6.14
C THR A 229 23.28 6.17 -5.55
N THR A 230 23.37 6.06 -4.22
CA THR A 230 24.56 5.41 -3.62
C THR A 230 24.57 3.90 -3.88
N ASN A 231 23.45 3.23 -3.66
CA ASN A 231 23.30 1.81 -4.03
C ASN A 231 23.62 1.59 -5.53
N ALA A 232 23.05 2.37 -6.45
CA ALA A 232 23.24 2.26 -7.92
C ALA A 232 24.75 2.38 -8.25
N ASN A 233 25.39 3.38 -7.67
CA ASN A 233 26.84 3.64 -7.78
CA ASN A 233 26.85 3.60 -7.86
C ASN A 233 27.61 2.40 -7.31
N SER A 234 27.25 1.84 -6.14
CA SER A 234 27.95 0.64 -5.62
C SER A 234 27.72 -0.57 -6.54
N ALA A 235 26.51 -0.70 -7.09
CA ALA A 235 26.19 -1.78 -8.06
C ALA A 235 27.07 -1.60 -9.32
N LYS A 236 27.11 -0.40 -9.88
CA LYS A 236 27.90 -0.09 -11.11
C LYS A 236 29.39 -0.41 -10.89
N LYS A 237 29.97 -0.08 -9.73
CA LYS A 237 31.40 -0.36 -9.42
CA LYS A 237 31.39 -0.37 -9.37
C LYS A 237 31.61 -1.88 -9.37
N TRP A 238 30.70 -2.62 -8.75
CA TRP A 238 30.80 -4.11 -8.66
C TRP A 238 30.76 -4.69 -10.07
N PHE A 239 29.88 -4.16 -10.91
CA PHE A 239 29.68 -4.69 -12.27
C PHE A 239 30.98 -4.50 -13.06
N LEU A 240 31.48 -3.26 -13.07
CA LEU A 240 32.67 -2.82 -13.84
C LEU A 240 33.93 -3.53 -13.34
N GLU A 241 34.00 -3.89 -12.05
CA GLU A 241 35.11 -4.70 -11.49
CA GLU A 241 35.14 -4.67 -11.51
C GLU A 241 35.26 -5.97 -12.34
N SER A 242 34.16 -6.53 -12.86
CA SER A 242 34.17 -7.78 -13.67
C SER A 242 34.18 -7.47 -15.18
N ALA A 243 33.25 -6.63 -15.64
CA ALA A 243 33.03 -6.33 -17.07
C ALA A 243 34.07 -5.34 -17.64
N LYS A 244 34.75 -4.55 -16.81
CA LYS A 244 35.84 -3.62 -17.21
C LYS A 244 35.36 -2.52 -18.14
N ASP A 245 34.57 -2.86 -19.16
CA ASP A 245 34.18 -1.93 -20.22
C ASP A 245 32.79 -1.33 -19.94
N GLU A 246 32.70 0.00 -19.91
CA GLU A 246 31.50 0.80 -19.60
C GLU A 246 30.41 0.62 -20.65
N ALA A 247 30.79 0.14 -21.83
CA ALA A 247 29.84 -0.05 -22.94
C ALA A 247 28.87 -1.18 -22.55
N HIS A 248 29.37 -2.11 -21.72
CA HIS A 248 28.66 -3.31 -21.19
C HIS A 248 27.48 -2.90 -20.28
N ILE A 249 27.56 -1.73 -19.65
CA ILE A 249 26.48 -1.19 -18.77
C ILE A 249 25.15 -1.24 -19.52
N ALA A 250 25.14 -0.96 -20.82
CA ALA A 250 23.89 -0.87 -21.59
C ALA A 250 23.16 -2.23 -21.64
N LYS A 251 23.83 -3.35 -21.33
CA LYS A 251 23.11 -4.66 -21.30
C LYS A 251 22.70 -5.09 -19.88
N HIS A 252 23.05 -4.31 -18.85
CA HIS A 252 22.91 -4.76 -17.44
C HIS A 252 22.19 -3.74 -16.55
N PHE A 253 21.92 -2.54 -17.02
CA PHE A 253 21.31 -1.45 -16.25
C PHE A 253 20.24 -0.75 -17.06
N VAL A 254 19.03 -0.66 -16.51
CA VAL A 254 17.91 0.13 -17.06
C VAL A 254 17.40 1.04 -15.95
N ALA A 255 16.66 2.07 -16.32
CA ALA A 255 16.24 3.12 -15.37
C ALA A 255 14.73 3.20 -15.42
N LEU A 256 14.10 3.30 -14.25
CA LEU A 256 12.66 3.58 -14.15
C LEU A 256 12.55 4.95 -13.50
N SER A 257 12.26 6.02 -14.27
CA SER A 257 12.35 7.39 -13.71
C SER A 257 11.39 8.38 -14.40
N THR A 258 11.19 9.55 -13.76
CA THR A 258 10.58 10.76 -14.40
C THR A 258 11.69 11.62 -15.07
N ASN A 259 12.96 11.41 -14.71
CA ASN A 259 14.01 12.45 -14.86
C ASN A 259 15.03 11.93 -15.90
N GLU A 260 14.74 12.11 -17.21
CA GLU A 260 15.69 11.68 -18.28
C GLU A 260 17.10 12.23 -18.04
N GLU A 261 17.23 13.52 -17.65
CA GLU A 261 18.55 14.22 -17.54
C GLU A 261 19.40 13.49 -16.49
N GLU A 262 18.83 13.23 -15.31
CA GLU A 262 19.62 12.53 -14.25
C GLU A 262 20.00 11.09 -14.70
N VAL A 263 19.13 10.40 -15.46
CA VAL A 263 19.36 8.97 -15.89
C VAL A 263 20.57 8.94 -16.83
N THR A 264 20.60 9.87 -17.78
CA THR A 264 21.64 9.95 -18.85
C THR A 264 22.97 10.33 -18.18
N LYS A 265 22.94 11.36 -17.30
CA LYS A 265 24.01 11.63 -16.31
C LYS A 265 24.55 10.30 -15.75
N PHE A 266 23.70 9.37 -15.25
CA PHE A 266 24.20 8.12 -14.57
C PHE A 266 24.97 7.21 -15.55
N GLY A 267 24.74 7.32 -16.86
CA GLY A 267 25.40 6.45 -17.87
C GLY A 267 24.45 5.35 -18.35
N ILE A 268 23.13 5.55 -18.23
CA ILE A 268 22.09 4.62 -18.78
CA ILE A 268 22.20 4.55 -18.85
C ILE A 268 21.68 5.15 -20.16
N ASP A 269 21.79 4.31 -21.20
CA ASP A 269 21.31 4.51 -22.59
C ASP A 269 19.83 4.93 -22.58
N LYS A 270 19.52 6.10 -23.13
CA LYS A 270 18.17 6.71 -23.26
C LYS A 270 17.11 5.67 -23.69
N LYS A 271 17.50 4.67 -24.51
CA LYS A 271 16.58 3.61 -25.05
CA LYS A 271 16.52 3.65 -25.03
C LYS A 271 16.17 2.64 -23.90
N ASN A 272 16.95 2.59 -22.83
CA ASN A 272 16.75 1.71 -21.66
C ASN A 272 16.14 2.50 -20.49
N MET A 273 15.42 3.57 -20.78
CA MET A 273 14.70 4.38 -19.76
CA MET A 273 14.71 4.33 -19.74
C MET A 273 13.21 4.09 -19.90
N PHE A 274 12.56 3.73 -18.79
CA PHE A 274 11.10 3.46 -18.71
C PHE A 274 10.53 4.58 -17.87
N GLY A 275 9.84 5.49 -18.53
CA GLY A 275 9.39 6.74 -17.94
C GLY A 275 8.05 6.64 -17.25
N PHE A 276 7.85 7.55 -16.29
CA PHE A 276 6.52 7.85 -15.70
C PHE A 276 6.45 9.33 -15.37
N ALA A 277 5.24 9.81 -15.18
CA ALA A 277 4.95 11.25 -15.11
C ALA A 277 5.02 11.72 -13.64
N SER A 278 5.13 13.04 -13.47
CA SER A 278 5.15 13.69 -12.14
C SER A 278 3.82 13.40 -11.41
N TRP A 279 2.72 13.14 -12.12
CA TRP A 279 1.37 12.91 -11.52
C TRP A 279 1.20 11.46 -11.05
N VAL A 280 2.27 10.68 -11.03
CA VAL A 280 2.32 9.34 -10.41
C VAL A 280 3.03 9.46 -9.06
N GLY A 281 2.31 9.43 -7.93
CA GLY A 281 3.00 9.39 -6.62
C GLY A 281 3.72 8.07 -6.42
N GLY A 282 4.86 8.07 -5.72
CA GLY A 282 5.66 6.85 -5.45
C GLY A 282 4.77 5.74 -4.87
N ARG A 283 3.90 6.07 -3.93
CA ARG A 283 3.12 5.04 -3.20
C ARG A 283 1.91 4.59 -4.04
N TYR A 284 1.80 5.16 -5.24
CA TYR A 284 0.77 4.84 -6.25
C TYR A 284 1.45 4.45 -7.57
N SER A 285 2.69 3.96 -7.52
CA SER A 285 3.53 3.87 -8.75
C SER A 285 3.68 2.45 -9.29
N VAL A 286 3.22 1.41 -8.60
CA VAL A 286 3.53 0.01 -9.02
C VAL A 286 2.89 -0.27 -10.40
N TRP A 287 1.85 0.47 -10.74
CA TRP A 287 1.09 0.38 -11.99
C TRP A 287 1.88 0.93 -13.20
N SER A 288 2.93 1.71 -12.95
CA SER A 288 3.72 2.47 -13.95
C SER A 288 4.93 1.63 -14.37
N ALA A 289 5.93 2.27 -14.95
CA ALA A 289 7.26 1.69 -15.27
C ALA A 289 7.87 1.07 -14.00
N ILE A 290 7.55 1.59 -12.81
CA ILE A 290 8.09 1.04 -11.52
C ILE A 290 7.72 -0.45 -11.36
N GLY A 291 6.64 -0.91 -11.99
CA GLY A 291 6.22 -2.33 -11.99
C GLY A 291 7.04 -3.22 -12.92
N LEU A 292 8.13 -2.70 -13.51
CA LEU A 292 8.89 -3.49 -14.49
C LEU A 292 9.39 -4.79 -13.86
N SER A 293 9.90 -4.80 -12.64
CA SER A 293 10.32 -6.08 -12.00
C SER A 293 9.14 -7.06 -11.93
N VAL A 294 7.91 -6.58 -11.76
CA VAL A 294 6.73 -7.48 -11.70
C VAL A 294 6.53 -8.09 -13.10
N ALA A 295 6.53 -7.26 -14.14
CA ALA A 295 6.31 -7.73 -15.54
C ALA A 295 7.45 -8.68 -15.96
N LEU A 296 8.70 -8.45 -15.56
CA LEU A 296 9.80 -9.40 -15.79
C LEU A 296 9.50 -10.74 -15.14
N TYR A 297 9.02 -10.72 -13.90
CA TYR A 297 8.86 -11.96 -13.11
C TYR A 297 7.66 -12.78 -13.59
N ILE A 298 6.52 -12.13 -13.83
CA ILE A 298 5.26 -12.90 -14.04
C ILE A 298 4.83 -12.75 -15.48
N GLY A 299 5.55 -11.97 -16.28
CA GLY A 299 5.20 -11.76 -17.69
C GLY A 299 4.30 -10.58 -17.89
N PHE A 300 4.32 -10.02 -19.11
CA PHE A 300 3.58 -8.77 -19.40
C PHE A 300 2.08 -9.02 -19.33
N ASP A 301 1.59 -10.16 -19.84
CA ASP A 301 0.13 -10.43 -19.88
CA ASP A 301 0.13 -10.43 -19.87
C ASP A 301 -0.42 -10.44 -18.43
N ASN A 302 0.27 -11.08 -17.51
CA ASN A 302 -0.14 -11.12 -16.07
C ASN A 302 -0.09 -9.70 -15.46
N PHE A 303 0.93 -8.90 -15.77
CA PHE A 303 1.04 -7.49 -15.38
C PHE A 303 -0.16 -6.73 -15.90
N HIS A 304 -0.55 -6.98 -17.16
CA HIS A 304 -1.69 -6.25 -17.76
C HIS A 304 -2.98 -6.66 -17.07
N GLN A 305 -3.13 -7.92 -16.70
CA GLN A 305 -4.33 -8.37 -15.94
C GLN A 305 -4.36 -7.69 -14.53
N PHE A 306 -3.22 -7.51 -13.91
CA PHE A 306 -3.05 -6.74 -12.64
C PHE A 306 -3.56 -5.30 -12.85
N LEU A 307 -3.17 -4.63 -13.93
CA LEU A 307 -3.69 -3.28 -14.27
C LEU A 307 -5.20 -3.32 -14.44
N ALA A 308 -5.71 -4.32 -15.16
CA ALA A 308 -7.13 -4.43 -15.51
C ALA A 308 -8.00 -4.66 -14.27
N GLY A 309 -7.51 -5.39 -13.27
CA GLY A 309 -8.24 -5.58 -12.01
C GLY A 309 -8.35 -4.27 -11.24
N ALA A 310 -7.29 -3.47 -11.21
CA ALA A 310 -7.37 -2.13 -10.61
C ALA A 310 -8.42 -1.29 -11.36
N HIS A 311 -8.42 -1.38 -12.70
CA HIS A 311 -9.35 -0.62 -13.57
C HIS A 311 -10.80 -0.97 -13.22
N ALA A 312 -11.10 -2.23 -12.97
CA ALA A 312 -12.45 -2.65 -12.63
C ALA A 312 -12.82 -2.04 -11.28
N MET A 313 -11.88 -1.97 -10.34
CA MET A 313 -12.19 -1.32 -9.05
C MET A 313 -12.31 0.22 -9.23
N ASP A 314 -11.51 0.84 -10.11
CA ASP A 314 -11.65 2.28 -10.44
C ASP A 314 -13.08 2.53 -10.93
N LYS A 315 -13.56 1.68 -11.83
CA LYS A 315 -14.92 1.86 -12.39
C LYS A 315 -15.97 1.74 -11.28
N HIS A 316 -15.83 0.75 -10.41
CA HIS A 316 -16.77 0.60 -9.28
C HIS A 316 -16.75 1.90 -8.49
N PHE A 317 -15.57 2.42 -8.17
CA PHE A 317 -15.45 3.61 -7.28
C PHE A 317 -16.12 4.81 -7.95
N ARG A 318 -15.94 4.91 -9.26
CA ARG A 318 -16.34 6.09 -10.06
CA ARG A 318 -16.34 6.10 -10.07
C ARG A 318 -17.86 6.10 -10.26
N GLU A 319 -18.47 4.92 -10.44
CA GLU A 319 -19.87 4.82 -10.93
C GLU A 319 -20.84 4.41 -9.82
N THR A 320 -20.39 3.87 -8.69
CA THR A 320 -21.34 3.33 -7.71
C THR A 320 -21.85 4.43 -6.80
N PRO A 321 -23.20 4.53 -6.59
CA PRO A 321 -23.77 5.42 -5.58
C PRO A 321 -23.15 5.14 -4.21
N LEU A 322 -22.98 6.19 -3.42
CA LEU A 322 -22.21 6.08 -2.15
C LEU A 322 -22.77 4.97 -1.24
N GLU A 323 -24.08 4.77 -1.21
CA GLU A 323 -24.73 3.72 -0.37
C GLU A 323 -24.13 2.33 -0.62
N GLN A 324 -23.66 2.04 -1.82
CA GLN A 324 -23.21 0.68 -2.21
C GLN A 324 -21.71 0.68 -2.55
N ASN A 325 -21.05 1.83 -2.41
CA ASN A 325 -19.68 2.04 -2.90
C ASN A 325 -18.69 1.47 -1.86
N ILE A 326 -17.91 0.50 -2.26
CA ILE A 326 -17.14 -0.38 -1.33
C ILE A 326 -15.96 0.37 -0.72
N PRO A 327 -15.04 1.00 -1.51
CA PRO A 327 -13.94 1.76 -0.90
C PRO A 327 -14.47 2.94 -0.07
N VAL A 328 -15.58 3.53 -0.50
CA VAL A 328 -16.13 4.69 0.24
C VAL A 328 -16.53 4.21 1.63
N LEU A 329 -17.24 3.09 1.72
CA LEU A 329 -17.68 2.60 3.05
C LEU A 329 -16.43 2.27 3.88
N GLY A 330 -15.43 1.65 3.29
CA GLY A 330 -14.20 1.39 4.06
C GLY A 330 -13.58 2.67 4.58
N GLY A 331 -13.56 3.74 3.77
CA GLY A 331 -12.95 5.01 4.23
C GLY A 331 -13.78 5.69 5.33
N LEU A 332 -15.09 5.70 5.18
CA LEU A 332 -15.96 6.27 6.23
C LEU A 332 -15.86 5.51 7.54
N LEU A 333 -15.72 4.19 7.52
CA LEU A 333 -15.54 3.40 8.75
C LEU A 333 -14.27 3.84 9.44
N SER A 334 -13.20 4.07 8.68
CA SER A 334 -11.92 4.53 9.25
C SER A 334 -12.12 5.89 9.96
N VAL A 335 -12.81 6.83 9.33
CA VAL A 335 -13.15 8.13 9.96
C VAL A 335 -13.98 7.90 11.23
N TRP A 336 -15.00 7.08 11.14
CA TRP A 336 -15.91 6.76 12.28
C TRP A 336 -15.11 6.25 13.48
N TYR A 337 -14.27 5.24 13.28
CA TYR A 337 -13.44 4.69 14.37
C TYR A 337 -12.42 5.71 14.87
N SER A 338 -11.71 6.37 13.95
CA SER A 338 -10.56 7.28 14.29
C SER A 338 -11.09 8.48 15.10
N ASP A 339 -12.14 9.13 14.60
CA ASP A 339 -12.56 10.47 15.07
C ASP A 339 -13.71 10.40 16.06
N PHE A 340 -14.45 9.31 16.14
CA PHE A 340 -15.55 9.20 17.13
C PHE A 340 -15.30 8.15 18.21
N PHE A 341 -14.54 7.08 17.95
CA PHE A 341 -14.21 6.04 18.94
C PHE A 341 -12.76 6.17 19.43
N GLY A 342 -11.94 7.07 18.88
CA GLY A 342 -10.58 7.28 19.41
C GLY A 342 -9.55 6.21 19.01
N ALA A 343 -9.84 5.39 18.00
CA ALA A 343 -8.90 4.32 17.55
C ALA A 343 -7.72 4.98 16.81
N GLN A 344 -6.49 4.74 17.26
CA GLN A 344 -5.26 5.31 16.67
C GLN A 344 -4.66 4.35 15.65
N THR A 345 -5.17 3.12 15.55
CA THR A 345 -4.58 2.05 14.69
C THR A 345 -5.59 1.41 13.74
N HIS A 346 -5.04 0.72 12.75
CA HIS A 346 -5.84 -0.03 11.77
C HIS A 346 -5.04 -1.28 11.38
N LEU A 347 -5.54 -2.45 11.77
CA LEU A 347 -4.90 -3.77 11.52
C LEU A 347 -5.33 -4.27 10.16
N VAL A 348 -4.39 -4.76 9.37
CA VAL A 348 -4.76 -5.51 8.14
C VAL A 348 -4.02 -6.84 8.20
N ALA A 349 -4.77 -7.95 8.25
CA ALA A 349 -4.19 -9.31 8.42
C ALA A 349 -4.67 -10.19 7.29
N PRO A 350 -3.81 -10.40 6.27
CA PRO A 350 -4.17 -11.31 5.19
C PRO A 350 -3.97 -12.75 5.68
N PHE A 351 -4.97 -13.58 5.47
CA PHE A 351 -4.94 -15.03 5.77
C PHE A 351 -4.32 -15.70 4.54
N ASP A 352 -3.06 -15.38 4.29
CA ASP A 352 -2.36 -15.70 3.01
C ASP A 352 -0.87 -15.39 3.15
N GLN A 353 -0.02 -16.40 3.11
CA GLN A 353 1.43 -16.24 3.37
C GLN A 353 2.09 -15.47 2.20
N TYR A 354 1.65 -15.67 0.97
CA TYR A 354 2.21 -14.92 -0.17
C TYR A 354 1.99 -13.40 0.01
N LEU A 355 0.90 -13.02 0.64
CA LEU A 355 0.59 -11.60 0.92
C LEU A 355 1.33 -11.16 2.18
N HIS A 356 2.45 -11.75 2.56
CA HIS A 356 3.12 -11.37 3.83
C HIS A 356 3.66 -9.93 3.82
N ARG A 357 3.86 -9.31 2.65
CA ARG A 357 4.37 -7.90 2.56
C ARG A 357 3.22 -6.95 2.24
N PHE A 358 1.99 -7.41 2.28
CA PHE A 358 0.82 -6.56 1.93
C PHE A 358 0.62 -5.54 3.04
N PRO A 359 0.66 -5.88 4.35
CA PRO A 359 0.52 -4.82 5.35
C PRO A 359 1.59 -3.73 5.23
N ALA A 360 2.86 -4.08 5.01
CA ALA A 360 3.92 -3.07 4.87
C ALA A 360 3.66 -2.16 3.69
N TYR A 361 3.14 -2.68 2.59
CA TYR A 361 2.77 -1.86 1.43
C TYR A 361 1.65 -0.88 1.82
N LEU A 362 0.60 -1.37 2.45
CA LEU A 362 -0.54 -0.51 2.88
C LEU A 362 -0.09 0.53 3.90
N GLN A 363 0.94 0.24 4.67
CA GLN A 363 1.45 1.17 5.70
C GLN A 363 1.96 2.44 5.01
N GLN A 364 2.68 2.30 3.88
CA GLN A 364 3.15 3.48 3.14
C GLN A 364 1.94 4.17 2.52
N LEU A 365 1.11 3.41 1.80
CA LEU A 365 -0.06 3.99 1.08
C LEU A 365 -0.88 4.83 2.07
N SER A 366 -1.22 4.24 3.21
CA SER A 366 -2.13 4.86 4.20
C SER A 366 -1.38 5.97 4.92
N MET A 367 -0.23 5.68 5.51
CA MET A 367 0.33 6.61 6.50
C MET A 367 1.00 7.77 5.76
N GLU A 368 1.68 7.51 4.64
CA GLU A 368 2.34 8.63 3.91
C GLU A 368 1.26 9.50 3.24
N SER A 369 0.14 8.94 2.82
CA SER A 369 -0.98 9.72 2.25
C SER A 369 -1.64 10.58 3.34
N ASN A 370 -2.02 9.99 4.48
CA ASN A 370 -3.01 10.63 5.37
C ASN A 370 -2.39 11.01 6.71
N GLY A 371 -1.08 10.84 6.87
CA GLY A 371 -0.35 11.36 8.05
C GLY A 371 -0.07 12.85 7.87
N LYS A 372 -1.11 13.67 8.00
CA LYS A 372 -1.18 15.11 7.54
C LYS A 372 -2.04 15.83 8.57
N ALA A 373 -1.80 17.13 8.73
CA ALA A 373 -2.52 17.92 9.75
C ALA A 373 -3.04 19.24 9.16
N ILE A 374 -2.82 19.49 7.89
CA ILE A 374 -3.17 20.82 7.33
C ILE A 374 -4.28 20.62 6.31
N THR A 375 -5.38 21.37 6.44
CA THR A 375 -6.52 21.33 5.50
C THR A 375 -6.22 22.05 4.18
N ARG A 376 -7.10 21.85 3.20
CA ARG A 376 -7.01 22.59 1.91
C ARG A 376 -6.98 24.10 2.17
N THR A 377 -7.61 24.55 3.26
CA THR A 377 -7.72 25.99 3.62
C THR A 377 -6.54 26.43 4.45
N GLY A 378 -5.58 25.53 4.73
CA GLY A 378 -4.34 25.88 5.40
C GLY A 378 -4.49 25.95 6.90
N GLU A 379 -5.50 25.34 7.48
CA GLU A 379 -5.69 25.30 8.95
C GLU A 379 -5.18 23.96 9.52
N TYR A 380 -4.86 23.94 10.78
CA TYR A 380 -4.49 22.74 11.53
C TYR A 380 -5.78 22.01 11.88
N VAL A 381 -5.86 20.73 11.51
CA VAL A 381 -7.08 19.91 11.76
C VAL A 381 -7.47 19.96 13.22
N LYS A 382 -8.77 19.94 13.49
CA LYS A 382 -9.33 19.89 14.86
C LYS A 382 -9.76 18.44 15.16
N TYR A 383 -9.14 17.44 14.55
CA TYR A 383 -9.54 16.02 14.65
C TYR A 383 -8.33 15.17 14.16
N THR A 384 -8.27 13.93 14.58
CA THR A 384 -7.14 13.07 14.20
C THR A 384 -7.36 12.65 12.73
N THR A 385 -6.24 12.41 12.04
CA THR A 385 -6.22 11.94 10.65
C THR A 385 -5.66 10.51 10.63
N GLY A 386 -4.78 10.20 9.72
CA GLY A 386 -4.51 8.80 9.38
C GLY A 386 -4.09 8.00 10.61
N PRO A 387 -4.60 6.76 10.75
CA PRO A 387 -4.12 5.83 11.80
C PRO A 387 -2.74 5.26 11.51
N ILE A 388 -2.17 4.70 12.56
CA ILE A 388 -1.03 3.75 12.42
CA ILE A 388 -1.03 3.76 12.37
C ILE A 388 -1.61 2.48 11.79
N LEU A 389 -1.20 2.16 10.57
CA LEU A 389 -1.62 0.90 9.93
C LEU A 389 -0.52 -0.14 10.16
N PHE A 390 -0.90 -1.33 10.60
CA PHE A 390 0.07 -2.42 10.86
C PHE A 390 -0.58 -3.76 10.54
N GLY A 391 0.27 -4.80 10.48
CA GLY A 391 -0.22 -6.17 10.39
C GLY A 391 0.85 -7.15 9.97
N GLU A 392 0.48 -8.40 10.06
CA GLU A 392 1.28 -9.56 9.64
C GLU A 392 0.28 -10.55 9.04
N PRO A 393 0.71 -11.48 8.18
CA PRO A 393 -0.21 -12.53 7.70
C PRO A 393 -0.69 -13.40 8.88
N ALA A 394 -1.94 -13.85 8.78
CA ALA A 394 -2.50 -14.89 9.63
C ALA A 394 -2.23 -16.23 8.91
N THR A 395 -2.08 -17.34 9.67
CA THR A 395 -2.37 -17.46 11.09
C THR A 395 -1.18 -17.02 11.95
N ASN A 396 0.01 -16.74 11.39
CA ASN A 396 1.18 -16.24 12.17
CA ASN A 396 1.16 -16.28 12.22
C ASN A 396 0.73 -15.14 13.17
N ALA A 397 0.03 -14.12 12.65
CA ALA A 397 -0.44 -12.97 13.48
C ALA A 397 -1.20 -13.47 14.72
N GLN A 398 -1.98 -14.56 14.63
CA GLN A 398 -2.80 -15.05 15.76
C GLN A 398 -1.93 -15.47 16.94
N HIS A 399 -0.76 -16.01 16.62
CA HIS A 399 0.19 -16.54 17.59
C HIS A 399 1.17 -15.46 18.03
N SER A 400 1.05 -14.24 17.50
CA SER A 400 1.98 -13.13 17.84
C SER A 400 1.28 -12.10 18.72
N PHE A 401 0.22 -11.47 18.22
CA PHE A 401 -0.38 -10.32 18.92
C PHE A 401 -1.91 -10.39 18.97
N PHE A 402 -2.56 -11.46 18.47
CA PHE A 402 -4.02 -11.53 18.62
C PHE A 402 -4.45 -11.62 20.08
N GLN A 403 -3.59 -12.03 21.00
CA GLN A 403 -3.85 -11.94 22.46
C GLN A 403 -4.35 -10.52 22.78
N LEU A 404 -3.62 -9.49 22.33
CA LEU A 404 -3.96 -8.10 22.65
C LEU A 404 -5.27 -7.74 21.93
N LEU A 405 -5.48 -8.20 20.70
CA LEU A 405 -6.73 -7.89 19.97
CA LEU A 405 -6.75 -7.91 19.96
C LEU A 405 -7.93 -8.44 20.76
N HIS A 406 -7.82 -9.64 21.34
CA HIS A 406 -8.94 -10.30 22.06
C HIS A 406 -9.10 -9.75 23.50
N GLN A 407 -8.00 -9.46 24.22
CA GLN A 407 -8.10 -9.19 25.68
C GLN A 407 -7.42 -7.89 26.10
N GLY A 408 -6.84 -7.13 25.18
CA GLY A 408 -6.19 -5.86 25.53
C GLY A 408 -7.18 -4.71 25.70
N THR A 409 -6.67 -3.49 25.79
CA THR A 409 -7.44 -2.28 26.19
C THR A 409 -7.52 -1.28 25.03
N LYS A 410 -7.34 -1.70 23.78
CA LYS A 410 -7.46 -0.79 22.62
C LYS A 410 -8.60 -1.27 21.73
N LEU A 411 -9.23 -0.33 21.08
CA LEU A 411 -10.10 -0.58 19.93
C LEU A 411 -9.20 -0.62 18.72
N ILE A 412 -9.21 -1.73 17.99
CA ILE A 412 -8.38 -1.92 16.79
C ILE A 412 -9.26 -2.41 15.65
N PRO A 413 -9.75 -1.46 14.84
CA PRO A 413 -10.47 -1.80 13.62
C PRO A 413 -9.56 -2.71 12.79
N SER A 414 -10.09 -3.83 12.30
CA SER A 414 -9.29 -4.92 11.70
C SER A 414 -9.93 -5.38 10.39
N ASP A 415 -9.10 -5.58 9.37
CA ASP A 415 -9.48 -6.12 8.03
C ASP A 415 -8.81 -7.46 7.91
N PHE A 416 -9.61 -8.51 7.73
CA PHE A 416 -9.09 -9.88 7.45
C PHE A 416 -9.39 -10.16 5.98
N ILE A 417 -8.43 -10.73 5.26
CA ILE A 417 -8.51 -10.97 3.81
C ILE A 417 -8.10 -12.40 3.54
N MET A 418 -8.88 -13.12 2.75
CA MET A 418 -8.52 -14.50 2.38
C MET A 418 -9.05 -14.83 0.98
N ALA A 419 -8.33 -15.71 0.29
CA ALA A 419 -8.82 -16.36 -0.94
C ALA A 419 -9.42 -17.72 -0.55
N ALA A 420 -10.52 -18.05 -1.18
CA ALA A 420 -11.23 -19.33 -1.00
C ALA A 420 -10.38 -20.47 -1.54
N GLU A 421 -9.59 -20.22 -2.57
CA GLU A 421 -8.72 -21.25 -3.18
C GLU A 421 -7.24 -20.89 -3.02
N SER A 422 -6.43 -21.92 -2.74
CA SER A 422 -4.95 -21.83 -2.62
C SER A 422 -4.32 -22.20 -3.95
N HIS A 423 -3.19 -21.59 -4.28
CA HIS A 423 -2.31 -22.02 -5.39
C HIS A 423 -1.56 -23.28 -4.98
N ASN A 424 -1.54 -23.64 -3.68
CA ASN A 424 -0.76 -24.77 -3.16
C ASN A 424 -1.65 -25.65 -2.30
N PRO A 425 -2.66 -26.30 -2.89
CA PRO A 425 -3.66 -27.05 -2.10
C PRO A 425 -3.11 -28.35 -1.49
N VAL A 426 -2.07 -28.23 -0.66
CA VAL A 426 -1.31 -29.37 -0.07
CA VAL A 426 -1.32 -29.41 -0.13
C VAL A 426 -2.26 -30.31 0.70
N GLU A 427 -1.97 -31.62 0.69
CA GLU A 427 -2.67 -32.67 1.51
C GLU A 427 -4.18 -32.57 1.22
N GLY A 428 -4.56 -32.55 -0.08
CA GLY A 428 -5.98 -32.63 -0.50
C GLY A 428 -6.80 -31.45 0.01
N GLY A 429 -6.22 -30.26 0.18
CA GLY A 429 -6.98 -29.09 0.67
C GLY A 429 -7.06 -28.99 2.20
N LYS A 430 -6.46 -29.86 2.98
CA LYS A 430 -6.55 -29.81 4.46
C LYS A 430 -5.94 -28.49 5.03
N HIS A 431 -4.77 -28.07 4.55
CA HIS A 431 -4.11 -26.79 4.95
C HIS A 431 -5.06 -25.63 4.67
N GLN A 432 -5.72 -25.62 3.52
CA GLN A 432 -6.59 -24.50 3.11
C GLN A 432 -7.88 -24.50 3.92
N ARG A 433 -8.48 -25.68 4.21
CA ARG A 433 -9.70 -25.72 5.05
CA ARG A 433 -9.65 -25.85 5.09
C ARG A 433 -9.32 -25.26 6.46
N MET A 434 -8.15 -25.60 6.93
CA MET A 434 -7.76 -25.15 8.28
C MET A 434 -7.55 -23.62 8.27
N LEU A 435 -6.87 -23.09 7.26
CA LEU A 435 -6.68 -21.60 7.13
C LEU A 435 -8.04 -20.90 7.13
N ALA A 436 -8.97 -21.38 6.31
CA ALA A 436 -10.33 -20.82 6.21
C ALA A 436 -11.00 -20.88 7.56
N SER A 437 -10.84 -22.00 8.29
CA SER A 437 -11.54 -22.12 9.59
C SER A 437 -11.08 -20.99 10.56
N ASN A 438 -9.80 -20.59 10.50
CA ASN A 438 -9.20 -19.52 11.33
C ASN A 438 -9.72 -18.15 10.85
N PHE A 439 -9.81 -17.93 9.55
CA PHE A 439 -10.36 -16.67 8.96
C PHE A 439 -11.78 -16.45 9.47
N LEU A 440 -12.61 -17.49 9.45
CA LEU A 440 -14.03 -17.42 9.86
C LEU A 440 -14.09 -17.26 11.38
N ALA A 441 -13.33 -18.06 12.10
CA ALA A 441 -13.42 -18.16 13.58
C ALA A 441 -12.90 -16.88 14.24
N GLN A 442 -11.86 -16.24 13.69
CA GLN A 442 -11.25 -15.08 14.39
C GLN A 442 -12.25 -13.94 14.39
N SER A 443 -12.93 -13.67 13.29
CA SER A 443 -13.92 -12.57 13.32
C SER A 443 -15.10 -12.97 14.21
N GLU A 444 -15.52 -14.25 14.15
CA GLU A 444 -16.62 -14.72 15.03
C GLU A 444 -16.23 -14.44 16.46
N ALA A 445 -15.05 -14.91 16.87
CA ALA A 445 -14.58 -14.85 18.24
C ALA A 445 -14.50 -13.40 18.72
N LEU A 446 -13.97 -12.51 17.89
CA LEU A 446 -13.83 -11.09 18.26
C LEU A 446 -15.21 -10.46 18.46
N MET A 447 -16.21 -10.88 17.68
CA MET A 447 -17.59 -10.34 17.81
C MET A 447 -18.29 -10.94 19.06
N VAL A 448 -18.32 -12.27 19.22
CA VAL A 448 -19.22 -12.90 20.24
CA VAL A 448 -19.20 -12.97 20.20
C VAL A 448 -18.55 -12.97 21.59
N GLY A 449 -17.24 -13.10 21.64
CA GLY A 449 -16.53 -13.24 22.92
C GLY A 449 -17.02 -14.50 23.62
N LYS A 450 -16.86 -14.51 24.94
CA LYS A 450 -17.20 -15.65 25.79
C LYS A 450 -17.48 -15.13 27.18
N THR A 451 -18.71 -15.28 27.62
CA THR A 451 -19.20 -14.67 28.87
C THR A 451 -18.63 -15.41 30.07
N PRO A 452 -18.59 -14.72 31.23
CA PRO A 452 -18.20 -15.34 32.48
C PRO A 452 -19.03 -16.61 32.72
N GLU A 453 -20.32 -16.58 32.40
CA GLU A 453 -21.24 -17.75 32.55
C GLU A 453 -20.75 -18.91 31.68
N GLN A 454 -20.39 -18.67 30.40
CA GLN A 454 -19.84 -19.72 29.51
C GLN A 454 -18.51 -20.24 30.11
N VAL A 455 -17.66 -19.35 30.62
CA VAL A 455 -16.34 -19.80 31.12
C VAL A 455 -16.60 -20.76 32.32
N LYS A 456 -17.46 -20.35 33.24
CA LYS A 456 -17.78 -21.19 34.45
C LYS A 456 -18.37 -22.54 33.99
N THR A 457 -19.23 -22.56 33.00
CA THR A 457 -19.82 -23.80 32.45
C THR A 457 -18.71 -24.76 32.00
N GLU A 458 -17.58 -24.27 31.50
CA GLU A 458 -16.52 -25.18 31.03
C GLU A 458 -15.63 -25.65 32.18
N GLY A 459 -15.90 -25.25 33.43
CA GLY A 459 -15.16 -25.82 34.59
C GLY A 459 -13.95 -25.01 35.04
N ALA A 460 -13.82 -23.73 34.64
CA ALA A 460 -12.71 -22.88 35.08
C ALA A 460 -12.80 -22.72 36.58
N PRO A 461 -11.66 -22.71 37.31
CA PRO A 461 -11.65 -22.19 38.68
C PRO A 461 -12.41 -20.86 38.74
N ASP A 462 -13.28 -20.70 39.73
CA ASP A 462 -14.08 -19.46 39.88
C ASP A 462 -13.14 -18.26 39.83
N ASN A 463 -11.96 -18.33 40.44
CA ASN A 463 -11.14 -17.10 40.61
C ASN A 463 -10.23 -16.91 39.38
N LEU A 464 -10.42 -17.70 38.32
CA LEU A 464 -9.70 -17.51 37.03
C LEU A 464 -10.71 -17.06 35.95
N VAL A 465 -11.99 -17.01 36.26
CA VAL A 465 -13.05 -16.63 35.29
C VAL A 465 -12.70 -15.31 34.60
N PRO A 466 -12.32 -14.21 35.30
CA PRO A 466 -12.04 -12.93 34.63
C PRO A 466 -10.91 -13.06 33.60
N HIS A 467 -9.88 -13.84 33.91
CA HIS A 467 -8.70 -14.07 33.05
C HIS A 467 -9.10 -14.75 31.75
N LYS A 468 -10.14 -15.57 31.76
CA LYS A 468 -10.54 -16.40 30.60
C LYS A 468 -11.79 -15.84 29.94
N THR A 469 -12.31 -14.73 30.42
CA THR A 469 -13.48 -14.07 29.80
C THR A 469 -13.01 -13.30 28.54
N PHE A 470 -13.84 -13.31 27.48
CA PHE A 470 -13.64 -12.52 26.26
C PHE A 470 -14.84 -11.55 26.20
N LEU A 471 -14.59 -10.25 26.29
CA LEU A 471 -15.69 -9.24 26.24
C LEU A 471 -16.33 -9.24 24.86
N GLY A 472 -15.60 -9.64 23.83
CA GLY A 472 -16.14 -9.54 22.47
C GLY A 472 -16.42 -8.09 22.06
N ASN A 473 -17.34 -7.90 21.12
CA ASN A 473 -17.70 -6.56 20.61
C ASN A 473 -16.48 -5.89 19.99
N ARG A 474 -15.60 -6.66 19.32
CA ARG A 474 -14.39 -6.15 18.66
C ARG A 474 -14.62 -6.25 17.17
N PRO A 475 -14.72 -5.11 16.49
CA PRO A 475 -15.18 -5.09 15.10
C PRO A 475 -14.13 -5.60 14.10
N THR A 476 -14.65 -6.11 12.98
CA THR A 476 -13.83 -6.61 11.87
C THR A 476 -14.56 -6.37 10.57
N THR A 477 -13.78 -6.29 9.50
CA THR A 477 -14.21 -6.32 8.08
C THR A 477 -13.57 -7.56 7.47
N SER A 478 -14.36 -8.43 6.84
CA SER A 478 -13.86 -9.67 6.23
C SER A 478 -13.97 -9.56 4.71
N ILE A 479 -12.89 -9.86 4.02
CA ILE A 479 -12.83 -9.77 2.53
C ILE A 479 -12.46 -11.14 2.00
N LEU A 480 -13.38 -11.77 1.25
CA LEU A 480 -13.22 -13.14 0.74
C LEU A 480 -13.17 -13.08 -0.77
N ALA A 481 -12.02 -13.39 -1.32
CA ALA A 481 -11.83 -13.45 -2.79
C ALA A 481 -11.88 -14.92 -3.20
N GLN A 482 -11.93 -15.12 -4.53
CA GLN A 482 -11.93 -16.49 -5.10
C GLN A 482 -10.53 -17.07 -4.97
N LYS A 483 -9.56 -16.32 -5.49
CA LYS A 483 -8.18 -16.76 -5.63
C LYS A 483 -7.31 -15.53 -5.89
N ILE A 484 -6.12 -15.47 -5.30
CA ILE A 484 -5.24 -14.29 -5.51
C ILE A 484 -4.60 -14.45 -6.90
N THR A 485 -5.31 -13.99 -7.92
CA THR A 485 -4.79 -13.84 -9.30
C THR A 485 -4.21 -12.44 -9.45
N PRO A 486 -3.51 -12.15 -10.56
CA PRO A 486 -3.05 -10.79 -10.85
C PRO A 486 -4.15 -9.73 -10.78
N SER A 487 -5.30 -9.98 -11.40
CA SER A 487 -6.40 -9.01 -11.45
C SER A 487 -7.03 -8.87 -10.07
N THR A 488 -7.17 -9.96 -9.32
CA THR A 488 -7.77 -9.90 -7.97
C THR A 488 -6.85 -9.04 -7.07
N LEU A 489 -5.54 -9.22 -7.16
CA LEU A 489 -4.60 -8.41 -6.37
C LEU A 489 -4.72 -6.96 -6.81
N GLY A 490 -4.81 -6.69 -8.09
CA GLY A 490 -4.97 -5.31 -8.58
C GLY A 490 -6.19 -4.66 -8.00
N ALA A 491 -7.31 -5.36 -7.98
CA ALA A 491 -8.56 -4.82 -7.40
C ALA A 491 -8.39 -4.58 -5.89
N LEU A 492 -7.74 -5.48 -5.13
CA LEU A 492 -7.55 -5.30 -3.66
C LEU A 492 -6.71 -4.05 -3.35
N ILE A 493 -5.64 -3.82 -4.09
CA ILE A 493 -4.82 -2.60 -3.88
C ILE A 493 -5.66 -1.38 -4.20
N ALA A 494 -6.40 -1.39 -5.31
CA ALA A 494 -7.20 -0.21 -5.71
C ALA A 494 -8.26 0.06 -4.64
N TYR A 495 -8.82 -0.97 -4.02
CA TYR A 495 -9.75 -0.80 -2.89
C TYR A 495 -9.07 0.09 -1.84
N TYR A 496 -7.86 -0.27 -1.45
CA TYR A 496 -7.15 0.46 -0.37
C TYR A 496 -6.75 1.86 -0.87
N GLU A 497 -6.44 2.01 -2.16
CA GLU A 497 -6.11 3.35 -2.71
C GLU A 497 -7.35 4.26 -2.57
N HIS A 498 -8.53 3.73 -2.93
CA HIS A 498 -9.79 4.55 -2.91
C HIS A 498 -10.33 4.74 -1.49
N LEU A 499 -10.13 3.78 -0.59
CA LEU A 499 -10.40 3.95 0.87
C LEU A 499 -9.54 5.11 1.38
N THR A 500 -8.26 5.10 1.08
CA THR A 500 -7.30 6.14 1.44
C THR A 500 -7.75 7.49 0.85
N PHE A 501 -8.22 7.51 -0.39
CA PHE A 501 -8.74 8.75 -1.02
C PHE A 501 -9.91 9.28 -0.21
N THR A 502 -10.79 8.36 0.18
CA THR A 502 -12.06 8.75 0.85
C THR A 502 -11.73 9.38 2.19
N GLU A 503 -10.84 8.77 2.96
CA GLU A 503 -10.40 9.31 4.26
C GLU A 503 -9.90 10.77 4.06
N GLY A 504 -8.94 10.96 3.17
CA GLY A 504 -8.33 12.29 2.92
C GLY A 504 -9.35 13.33 2.47
N ALA A 505 -10.35 12.91 1.69
CA ALA A 505 -11.39 13.84 1.19
C ALA A 505 -12.25 14.30 2.35
N VAL A 506 -12.62 13.39 3.24
CA VAL A 506 -13.43 13.77 4.42
C VAL A 506 -12.58 14.65 5.35
N TRP A 507 -11.32 14.29 5.58
CA TRP A 507 -10.47 15.04 6.52
C TRP A 507 -10.06 16.40 5.91
N ASN A 508 -10.21 16.55 4.59
CA ASN A 508 -9.87 17.82 3.88
C ASN A 508 -8.37 18.02 3.87
N ILE A 509 -7.60 16.92 3.79
CA ILE A 509 -6.12 16.97 3.72
C ILE A 509 -5.68 16.57 2.32
N ASN A 510 -4.39 16.72 2.06
CA ASN A 510 -3.76 16.33 0.76
C ASN A 510 -3.23 14.91 0.94
N SER A 511 -3.90 13.92 0.35
CA SER A 511 -3.46 12.50 0.38
C SER A 511 -2.22 12.33 -0.50
N PHE A 512 -1.80 13.35 -1.27
CA PHE A 512 -0.92 13.12 -2.44
C PHE A 512 0.45 13.81 -2.32
N ASP A 513 0.72 14.56 -1.26
CA ASP A 513 2.02 15.27 -1.05
C ASP A 513 2.75 14.49 0.06
N GLN A 514 3.98 14.89 0.34
CA GLN A 514 4.79 14.29 1.43
C GLN A 514 5.88 15.27 1.83
N TRP A 515 5.47 16.45 2.30
CA TRP A 515 6.40 17.51 2.75
C TRP A 515 7.15 17.04 4.00
N GLY A 516 6.55 16.11 4.73
CA GLY A 516 7.03 15.70 6.04
C GLY A 516 8.32 14.88 5.98
N VAL A 517 8.80 14.48 4.82
CA VAL A 517 10.08 13.74 4.73
C VAL A 517 11.25 14.71 4.54
N GLU A 518 11.05 16.01 4.32
CA GLU A 518 12.19 16.82 3.83
CA GLU A 518 12.16 16.90 3.85
C GLU A 518 13.13 17.16 5.00
N LEU A 519 12.60 17.43 6.18
CA LEU A 519 13.49 17.92 7.27
C LEU A 519 14.54 16.85 7.58
N GLY A 520 14.12 15.59 7.72
CA GLY A 520 15.08 14.50 8.01
C GLY A 520 16.15 14.39 6.94
N LYS A 521 15.80 14.54 5.66
CA LYS A 521 16.81 14.46 4.58
C LYS A 521 17.86 15.59 4.70
N VAL A 522 17.41 16.80 4.94
CA VAL A 522 18.29 18.00 4.99
C VAL A 522 19.19 17.82 6.21
N LEU A 523 18.63 17.44 7.36
CA LEU A 523 19.47 17.33 8.59
C LEU A 523 20.47 16.15 8.42
N ALA A 524 20.13 15.08 7.67
CA ALA A 524 21.03 13.93 7.52
C ALA A 524 22.23 14.36 6.67
N LYS A 525 22.00 15.11 5.61
CA LYS A 525 23.09 15.59 4.74
C LYS A 525 24.06 16.45 5.54
N LYS A 526 23.55 17.30 6.41
CA LYS A 526 24.44 18.18 7.20
C LYS A 526 25.30 17.27 8.08
N ILE A 527 24.66 16.28 8.75
CA ILE A 527 25.39 15.43 9.70
C ILE A 527 26.38 14.58 8.93
N GLN A 528 26.03 14.12 7.72
CA GLN A 528 26.98 13.27 6.97
C GLN A 528 28.26 14.09 6.72
N LYS A 529 28.12 15.37 6.35
CA LYS A 529 29.31 16.25 6.11
C LYS A 529 30.09 16.39 7.43
N GLU A 530 29.39 16.51 8.57
CA GLU A 530 30.10 16.59 9.86
C GLU A 530 30.87 15.31 10.14
N LEU A 531 30.27 14.13 9.86
CA LEU A 531 30.97 12.84 10.10
C LEU A 531 32.24 12.79 9.22
N GLU A 532 32.22 13.41 8.05
CA GLU A 532 33.35 13.33 7.11
C GLU A 532 34.39 14.41 7.44
N THR A 533 34.18 15.23 8.48
CA THR A 533 34.97 16.46 8.73
C THR A 533 35.58 16.36 10.12
N PRO A 534 36.93 16.23 10.23
CA PRO A 534 37.57 16.22 11.55
C PRO A 534 37.21 17.42 12.41
N GLY A 535 36.83 17.14 13.66
CA GLY A 535 36.54 18.15 14.69
C GLY A 535 35.13 18.71 14.59
N ALA A 536 34.35 18.35 13.60
CA ALA A 536 32.98 18.93 13.45
C ALA A 536 31.91 18.04 14.10
N GLY A 537 30.72 18.61 14.35
CA GLY A 537 29.57 17.86 14.89
C GLY A 537 29.06 18.41 16.19
N GLY A 538 29.56 19.55 16.67
CA GLY A 538 29.16 20.13 17.95
C GLY A 538 27.93 21.05 17.82
N ASP A 539 27.51 21.48 16.64
CA ASP A 539 26.40 22.46 16.47
C ASP A 539 25.04 21.72 16.42
N HIS A 540 24.67 21.12 17.54
CA HIS A 540 23.34 20.48 17.71
C HIS A 540 22.93 20.64 19.16
N ASP A 541 21.67 20.28 19.45
CA ASP A 541 21.24 20.00 20.84
C ASP A 541 22.16 18.97 21.48
N ALA A 542 22.15 18.93 22.80
CA ALA A 542 23.09 18.14 23.62
C ALA A 542 22.91 16.64 23.35
N SER A 543 21.71 16.19 23.00
CA SER A 543 21.48 14.74 22.74
C SER A 543 22.07 14.37 21.38
N THR A 544 21.68 15.09 20.33
CA THR A 544 22.22 14.85 18.98
C THR A 544 23.75 14.95 19.05
N SER A 545 24.30 15.95 19.74
CA SER A 545 25.77 16.15 19.87
C SER A 545 26.39 14.98 20.59
N GLY A 546 25.74 14.52 21.67
CA GLY A 546 26.21 13.39 22.50
C GLY A 546 26.20 12.08 21.74
N LEU A 547 25.15 11.84 20.96
CA LEU A 547 25.08 10.65 20.11
C LEU A 547 26.11 10.73 18.97
N LEU A 548 26.28 11.89 18.36
CA LEU A 548 27.18 12.05 17.20
C LEU A 548 28.61 11.79 17.70
N LEU A 549 28.94 12.33 18.87
CA LEU A 549 30.26 12.14 19.48
C LEU A 549 30.51 10.68 19.82
N ALA A 550 29.53 10.01 20.42
CA ALA A 550 29.66 8.57 20.74
C ALA A 550 29.85 7.81 19.43
N PHE A 551 29.07 8.14 18.40
CA PHE A 551 29.25 7.45 17.12
C PHE A 551 30.67 7.68 16.58
N LYS A 552 31.17 8.92 16.58
CA LYS A 552 32.54 9.16 16.06
C LYS A 552 33.57 8.37 16.90
N LYS A 553 33.40 8.29 18.24
CA LYS A 553 34.33 7.52 19.10
C LYS A 553 34.25 6.04 18.70
N LYS A 554 33.06 5.46 18.59
CA LYS A 554 32.90 4.02 18.33
C LYS A 554 33.31 3.70 16.90
N ALA A 555 33.16 4.60 15.94
CA ALA A 555 33.45 4.32 14.53
C ALA A 555 34.87 4.79 14.15
N ASN A 556 35.63 5.36 15.10
CA ASN A 556 37.04 5.81 14.86
C ASN A 556 37.05 6.95 13.82
N LEU A 557 36.26 8.01 14.05
CA LEU A 557 36.25 9.21 13.20
C LEU A 557 36.76 10.37 14.00
N ALA A 558 37.59 11.23 13.41
CA ALA A 558 38.02 12.49 14.05
C ALA A 558 36.85 13.50 14.00
CL CL B . -29.40 -1.73 11.77
CL CL C . 5.07 -13.30 10.53
C1 GOL D . -0.41 -21.03 -10.62
O1 GOL D . -1.26 -21.56 -9.60
C2 GOL D . -0.99 -21.21 -12.02
O2 GOL D . -2.39 -20.92 -12.02
C3 GOL D . -0.35 -20.34 -13.06
O3 GOL D . 0.78 -20.97 -13.64
C1 GOL E . -12.06 -3.52 22.58
O1 GOL E . -12.20 -3.02 21.26
C2 GOL E . -12.23 -2.47 23.68
O2 GOL E . -13.11 -1.40 23.29
C3 GOL E . -10.92 -1.90 24.11
O3 GOL E . -10.99 -1.46 25.46
C1 GOL F . -10.95 -8.84 29.23
O1 GOL F . -10.34 -8.12 28.16
C2 GOL F . -9.96 -9.70 30.01
O2 GOL F . -10.58 -10.96 30.30
C3 GOL F . -8.62 -9.88 29.32
O3 GOL F . -7.43 -9.85 30.14
C1 GOL G . -9.18 23.75 -3.80
O1 GOL G . -8.17 23.26 -2.91
C2 GOL G . -8.56 24.38 -5.03
O2 GOL G . -9.45 24.36 -6.16
C3 GOL G . -7.31 23.63 -5.40
O3 GOL G . -7.57 22.23 -5.33
C1 GOL H . 4.04 8.10 -19.40
O1 GOL H . 3.03 8.94 -18.87
C2 GOL H . 5.19 8.92 -19.98
O2 GOL H . 6.37 8.76 -19.19
C3 GOL H . 4.86 10.39 -20.17
O3 GOL H . 5.24 11.21 -19.07
NA NA I . -6.15 -12.34 -13.47
C1 BG6 J . 10.66 9.06 -0.05
C2 BG6 J . 9.12 9.32 -0.07
O1 BG6 J . 11.26 10.25 0.48
O5 BG6 J . 11.24 8.55 -1.32
C3 BG6 J . 8.32 8.34 -1.03
O2 BG6 J . 8.79 9.06 1.34
C4 BG6 J . 9.10 7.88 -2.29
O3 BG6 J . 7.08 9.02 -1.47
C5 BG6 J . 10.61 7.46 -1.97
O4 BG6 J . 8.40 6.81 -2.79
C6 BG6 J . 11.32 7.14 -3.26
O6 BG6 J . 11.50 8.34 -4.01
P BG6 J . 12.19 8.16 -5.55
O1P BG6 J . 12.05 9.59 -6.29
O2P BG6 J . 13.59 7.65 -5.34
O3P BG6 J . 11.25 7.02 -6.23
#